data_5AZ0
#
_entry.id   5AZ0
#
_cell.length_a   112.180
_cell.length_b   112.180
_cell.length_c   147.628
_cell.angle_alpha   90.00
_cell.angle_beta   90.00
_cell.angle_gamma   120.00
#
_symmetry.space_group_name_H-M   'P 61 2 2'
#
loop_
_entity.id
_entity.type
_entity.pdbx_description
1 polymer 'Uncharacterized protein'
2 non-polymer 'CALCIUM ION'
3 non-polymer 1,2-ETHANEDIOL
4 non-polymer 'ACETATE ION'
5 water water
#
_entity_poly.entity_id   1
_entity_poly.type   'polypeptide(L)'
_entity_poly.pdbx_seq_one_letter_code
;MNKVNVPNFKLNNGDEIPALGYGTWLGVSEKSSGADQPAEEFGFDFDGTDIPKLLDALSYAIDIGYRHIDTAHFYRVEPE
IGQVVQEKINEGVVRREDLFITTKVWQHYHRAADVEVSLRASLHRLGLDHVNLVLMHWPMSISQEGVDEKIDYLETWRGF
EEVLKKGLTKAIGVSNFNIEQMKRLLTNCNVPPAVNQIEVNLNLSQADLVDYCQANEVVVVAYSPFGTMVPSRATLNSPE
PKLDNPAMLAIGRKYGKTVTQVNLGYLYQRGIVSIPKTVTKSRVLENASIFDFQLDDEDVATLAQFDNGFRTVRPLFWQP
YENYPFDVVPGQKHVDIPIAMRKWKNGANGDID
;
_entity_poly.pdbx_strand_id   A
#
loop_
_chem_comp.id
_chem_comp.type
_chem_comp.name
_chem_comp.formula
ACT non-polymer 'ACETATE ION' 'C2 H3 O2 -1'
CA non-polymer 'CALCIUM ION' 'Ca 2'
EDO non-polymer 1,2-ETHANEDIOL 'C2 H6 O2'
#
# COMPACT_ATOMS: atom_id res chain seq x y z
N LYS A 3 -2.55 0.23 -23.85
CA LYS A 3 -1.77 1.52 -23.85
C LYS A 3 -0.51 1.53 -22.90
N VAL A 4 -0.69 1.33 -21.59
CA VAL A 4 0.46 1.03 -20.69
C VAL A 4 0.58 -0.45 -20.42
N ASN A 5 1.78 -0.94 -20.25
CA ASN A 5 1.98 -2.33 -19.99
C ASN A 5 2.70 -2.55 -18.63
N VAL A 6 1.90 -2.82 -17.57
CA VAL A 6 2.45 -3.02 -16.24
C VAL A 6 2.94 -4.45 -16.04
N PRO A 7 4.24 -4.64 -15.85
CA PRO A 7 4.63 -6.00 -15.50
C PRO A 7 4.20 -6.45 -14.04
N ASN A 8 4.25 -7.75 -13.84
CA ASN A 8 3.85 -8.42 -12.63
C ASN A 8 5.02 -9.03 -11.89
N PHE A 9 5.01 -8.93 -10.56
CA PHE A 9 5.86 -9.76 -9.66
C PHE A 9 5.11 -10.97 -9.22
N LYS A 10 5.83 -12.02 -8.85
CA LYS A 10 5.25 -13.27 -8.42
C LYS A 10 5.21 -13.29 -6.89
N LEU A 11 4.11 -13.66 -6.33
CA LEU A 11 3.98 -13.82 -4.87
C LEU A 11 4.33 -15.23 -4.43
N ASN A 12 4.58 -15.37 -3.14
CA ASN A 12 4.94 -16.69 -2.54
C ASN A 12 3.83 -17.66 -2.40
N ASN A 13 2.67 -17.30 -2.95
CA ASN A 13 1.57 -18.24 -3.05
C ASN A 13 1.17 -18.65 -4.48
N GLY A 14 1.98 -18.33 -5.48
CA GLY A 14 1.63 -18.72 -6.85
C GLY A 14 0.98 -17.63 -7.73
N ASP A 15 0.55 -16.53 -7.12
CA ASP A 15 -0.21 -15.53 -7.85
C ASP A 15 0.71 -14.40 -8.23
N GLU A 16 0.29 -13.66 -9.21
CA GLU A 16 0.96 -12.42 -9.66
C GLU A 16 0.39 -11.19 -9.07
N ILE A 17 1.22 -10.19 -8.88
CA ILE A 17 0.80 -8.91 -8.46
C ILE A 17 1.40 -7.85 -9.40
N PRO A 18 0.57 -6.98 -9.99
CA PRO A 18 1.13 -5.95 -10.88
C PRO A 18 1.99 -4.98 -10.11
N ALA A 19 3.12 -4.63 -10.73
CA ALA A 19 4.18 -3.82 -10.08
C ALA A 19 3.83 -2.41 -9.77
N LEU A 20 2.70 -1.95 -10.31
CA LEU A 20 2.15 -0.66 -9.99
C LEU A 20 0.69 -0.83 -9.67
N GLY A 21 0.24 -0.13 -8.64
CA GLY A 21 -1.16 -0.13 -8.21
C GLY A 21 -1.72 1.28 -8.04
N TYR A 22 -3.04 1.39 -8.22
CA TYR A 22 -3.76 2.63 -8.12
C TYR A 22 -4.20 2.86 -6.67
N GLY A 23 -3.62 3.85 -6.01
CA GLY A 23 -3.96 4.19 -4.66
C GLY A 23 -5.31 4.90 -4.50
N THR A 24 -6.01 4.63 -3.40
CA THR A 24 -7.35 5.12 -3.18
C THR A 24 -7.55 5.84 -1.86
N TRP A 25 -6.46 6.09 -1.12
CA TRP A 25 -6.57 6.84 0.12
C TRP A 25 -6.41 8.35 -0.07
N LEU A 26 -7.41 9.08 0.31
CA LEU A 26 -7.47 10.53 0.03
C LEU A 26 -6.82 11.39 1.10
N GLY A 27 -6.58 10.86 2.28
CA GLY A 27 -5.88 11.58 3.33
C GLY A 27 -6.82 12.19 4.36
N VAL A 28 -6.20 12.55 5.48
CA VAL A 28 -6.87 13.16 6.63
C VAL A 28 -6.21 14.56 6.71
N SER A 29 -6.82 15.57 6.07
CA SER A 29 -6.28 16.95 5.98
C SER A 29 -7.19 17.99 6.62
N ASP A 45 -11.70 15.76 9.78
CA ASP A 45 -10.62 16.02 8.83
C ASP A 45 -10.35 14.95 7.71
N PHE A 46 -11.16 13.87 7.53
CA PHE A 46 -11.04 13.03 6.25
C PHE A 46 -11.53 13.86 5.10
N ASP A 47 -10.76 13.94 4.01
CA ASP A 47 -11.18 14.79 2.92
C ASP A 47 -11.88 14.04 1.83
N GLY A 48 -13.21 14.15 1.76
CA GLY A 48 -14.01 13.54 0.66
C GLY A 48 -14.13 14.27 -0.67
N THR A 49 -13.58 15.49 -0.74
CA THR A 49 -13.90 16.41 -1.84
C THR A 49 -13.50 15.89 -3.22
N ASP A 50 -12.36 15.17 -3.24
CA ASP A 50 -11.77 14.61 -4.48
C ASP A 50 -12.31 13.23 -4.92
N ILE A 51 -13.31 12.70 -4.23
CA ILE A 51 -13.82 11.38 -4.60
C ILE A 51 -14.14 11.26 -6.06
N PRO A 52 -14.98 12.20 -6.58
CA PRO A 52 -15.34 12.04 -7.99
C PRO A 52 -14.17 11.96 -8.91
N LYS A 53 -13.12 12.73 -8.60
CA LYS A 53 -11.91 12.77 -9.47
C LYS A 53 -11.11 11.44 -9.34
N LEU A 54 -11.07 10.91 -8.12
CA LEU A 54 -10.44 9.59 -7.86
C LEU A 54 -11.09 8.51 -8.69
N LEU A 55 -12.42 8.58 -8.79
CA LEU A 55 -13.20 7.55 -9.50
C LEU A 55 -13.09 7.65 -10.98
N ASP A 56 -13.19 8.87 -11.47
CA ASP A 56 -12.97 9.16 -12.89
C ASP A 56 -11.53 8.82 -13.29
N ALA A 57 -10.52 9.20 -12.49
CA ALA A 57 -9.11 8.78 -12.86
C ALA A 57 -8.90 7.25 -12.73
N LEU A 58 -9.68 6.60 -11.84
CA LEU A 58 -9.69 5.10 -11.80
C LEU A 58 -10.19 4.45 -13.07
N SER A 59 -11.30 5.01 -13.58
CA SER A 59 -11.89 4.49 -14.81
C SER A 59 -10.93 4.62 -15.93
N TYR A 60 -10.34 5.82 -16.03
CA TYR A 60 -9.26 6.06 -17.01
C TYR A 60 -8.09 5.05 -16.81
N ALA A 61 -7.67 4.90 -15.54
CA ALA A 61 -6.51 3.95 -15.23
C ALA A 61 -6.80 2.61 -15.76
N ILE A 62 -8.02 2.13 -15.49
CA ILE A 62 -8.38 0.81 -16.04
C ILE A 62 -8.40 0.78 -17.59
N ASP A 63 -8.94 1.84 -18.21
CA ASP A 63 -8.98 1.94 -19.71
C ASP A 63 -7.59 1.88 -20.22
N ILE A 64 -6.64 2.63 -19.62
CA ILE A 64 -5.25 2.53 -20.22
C ILE A 64 -4.44 1.28 -19.90
N GLY A 65 -4.87 0.50 -18.89
CA GLY A 65 -4.20 -0.78 -18.56
C GLY A 65 -3.78 -1.05 -17.08
N TYR A 66 -4.19 -0.25 -16.14
CA TYR A 66 -3.98 -0.56 -14.73
C TYR A 66 -4.97 -1.69 -14.37
N ARG A 67 -4.47 -2.65 -13.65
CA ARG A 67 -5.26 -3.76 -13.08
C ARG A 67 -5.25 -3.88 -11.57
N HIS A 68 -4.28 -3.22 -10.90
CA HIS A 68 -4.05 -3.32 -9.49
C HIS A 68 -4.65 -2.10 -8.81
N ILE A 69 -5.60 -2.37 -7.90
CA ILE A 69 -6.29 -1.36 -7.15
C ILE A 69 -6.11 -1.62 -5.64
N ASP A 70 -5.61 -0.63 -4.91
CA ASP A 70 -5.29 -0.77 -3.50
C ASP A 70 -6.29 0.01 -2.73
N THR A 71 -7.07 -0.67 -1.91
CA THR A 71 -7.93 0.09 -1.07
C THR A 71 -7.96 -0.49 0.33
N ALA A 72 -8.87 0.01 1.16
CA ALA A 72 -8.95 -0.40 2.58
C ALA A 72 -10.32 -0.03 3.18
N HIS A 73 -10.80 -0.76 4.20
CA HIS A 73 -11.92 -0.31 4.97
C HIS A 73 -11.76 1.13 5.42
N PHE A 74 -10.59 1.43 5.99
CA PHE A 74 -10.31 2.80 6.45
C PHE A 74 -10.42 3.91 5.41
N TYR A 75 -10.28 3.63 4.13
CA TYR A 75 -10.28 4.69 3.13
C TYR A 75 -11.65 5.21 2.71
N ARG A 76 -12.71 4.59 3.23
CA ARG A 76 -14.09 5.07 3.19
C ARG A 76 -14.77 4.84 1.85
N VAL A 77 -14.02 4.60 0.80
CA VAL A 77 -14.52 4.64 -0.54
C VAL A 77 -14.72 3.24 -1.16
N GLU A 78 -14.72 2.15 -0.39
CA GLU A 78 -14.89 0.81 -1.03
C GLU A 78 -16.18 0.72 -1.87
N PRO A 79 -17.32 1.24 -1.36
CA PRO A 79 -18.59 1.13 -2.19
C PRO A 79 -18.41 1.79 -3.54
N GLU A 80 -17.80 2.96 -3.57
CA GLU A 80 -17.62 3.66 -4.84
C GLU A 80 -16.61 2.95 -5.75
N ILE A 81 -15.53 2.39 -5.17
CA ILE A 81 -14.55 1.68 -6.00
C ILE A 81 -15.28 0.45 -6.59
N GLY A 82 -16.08 -0.22 -5.81
CA GLY A 82 -16.76 -1.40 -6.36
C GLY A 82 -17.73 -1.13 -7.50
N GLN A 83 -18.41 0.01 -7.43
CA GLN A 83 -19.28 0.49 -8.54
C GLN A 83 -18.43 0.71 -9.81
N VAL A 84 -17.27 1.38 -9.68
CA VAL A 84 -16.40 1.61 -10.82
C VAL A 84 -15.96 0.29 -11.41
N VAL A 85 -15.52 -0.63 -10.56
CA VAL A 85 -15.10 -1.95 -11.05
C VAL A 85 -16.21 -2.65 -11.83
N GLN A 86 -17.41 -2.62 -11.28
CA GLN A 86 -18.56 -3.27 -11.92
C GLN A 86 -18.86 -2.59 -13.30
N GLU A 87 -18.76 -1.27 -13.33
CA GLU A 87 -18.92 -0.51 -14.59
C GLU A 87 -17.94 -0.94 -15.65
N LYS A 88 -16.67 -1.16 -15.26
CA LYS A 88 -15.66 -1.44 -16.27
C LYS A 88 -15.83 -2.85 -16.76
N ILE A 89 -16.28 -3.71 -15.85
CA ILE A 89 -16.61 -5.06 -16.23
C ILE A 89 -17.82 -5.10 -17.20
N ASN A 90 -18.85 -4.29 -16.91
CA ASN A 90 -20.06 -4.22 -17.75
C ASN A 90 -19.69 -3.68 -19.13
N GLU A 91 -18.84 -2.65 -19.18
CA GLU A 91 -18.30 -2.10 -20.44
C GLU A 91 -17.47 -3.10 -21.24
N GLY A 92 -17.06 -4.23 -20.66
CA GLY A 92 -16.18 -5.18 -21.37
C GLY A 92 -14.71 -4.75 -21.41
N VAL A 93 -14.35 -3.71 -20.66
CA VAL A 93 -12.95 -3.28 -20.55
C VAL A 93 -12.10 -4.33 -19.83
N VAL A 94 -12.61 -4.88 -18.73
CA VAL A 94 -11.95 -6.03 -18.05
C VAL A 94 -12.94 -7.06 -17.58
N ARG A 95 -12.44 -8.24 -17.28
CA ARG A 95 -13.10 -9.27 -16.50
C ARG A 95 -12.54 -9.17 -15.04
N ARG A 96 -13.34 -9.62 -14.07
CA ARG A 96 -12.93 -9.65 -12.65
C ARG A 96 -11.54 -10.22 -12.52
N GLU A 97 -11.32 -11.33 -13.22
CA GLU A 97 -10.12 -12.12 -13.19
C GLU A 97 -8.88 -11.32 -13.64
N ASP A 98 -9.09 -10.23 -14.40
CA ASP A 98 -7.93 -9.47 -14.82
C ASP A 98 -7.45 -8.53 -13.71
N LEU A 99 -8.32 -8.25 -12.73
CA LEU A 99 -8.02 -7.24 -11.76
C LEU A 99 -7.34 -7.86 -10.52
N PHE A 100 -6.46 -7.10 -9.90
CA PHE A 100 -5.87 -7.40 -8.62
C PHE A 100 -6.36 -6.37 -7.64
N ILE A 101 -7.24 -6.76 -6.70
CA ILE A 101 -7.83 -5.82 -5.79
C ILE A 101 -7.48 -6.15 -4.35
N THR A 102 -6.97 -5.17 -3.66
CA THR A 102 -6.50 -5.31 -2.26
C THR A 102 -7.40 -4.52 -1.32
N THR A 103 -7.77 -5.10 -0.18
CA THR A 103 -8.35 -4.31 0.89
C THR A 103 -7.61 -4.65 2.22
N LYS A 104 -8.03 -4.04 3.31
CA LYS A 104 -7.25 -4.00 4.55
C LYS A 104 -8.19 -3.91 5.78
N VAL A 105 -7.80 -4.57 6.86
CA VAL A 105 -8.58 -4.71 8.11
C VAL A 105 -7.89 -3.79 9.11
N TRP A 106 -8.68 -2.93 9.73
CA TRP A 106 -8.18 -1.94 10.65
C TRP A 106 -8.05 -2.45 12.08
N GLN A 107 -7.59 -1.53 12.97
CA GLN A 107 -7.00 -1.87 14.30
C GLN A 107 -7.98 -2.39 15.29
N HIS A 108 -9.26 -2.07 15.06
CA HIS A 108 -10.31 -2.64 15.95
C HIS A 108 -10.86 -3.97 15.58
N TYR A 109 -10.31 -4.61 14.54
CA TYR A 109 -10.82 -5.94 14.15
C TYR A 109 -9.69 -6.95 14.26
N HIS A 110 -8.96 -6.98 15.40
CA HIS A 110 -7.73 -7.84 15.51
C HIS A 110 -7.95 -9.08 16.20
N ARG A 111 -9.13 -9.28 16.73
CA ARG A 111 -9.41 -10.67 17.19
C ARG A 111 -9.55 -11.57 15.95
N ALA A 112 -9.15 -12.84 16.08
CA ALA A 112 -9.20 -13.79 15.02
C ALA A 112 -10.56 -13.81 14.31
N ALA A 113 -11.64 -13.94 15.07
CA ALA A 113 -12.98 -13.98 14.48
C ALA A 113 -13.37 -12.67 13.87
N ASP A 114 -12.77 -11.55 14.25
CA ASP A 114 -13.19 -10.35 13.60
C ASP A 114 -12.68 -10.12 12.21
N VAL A 115 -11.63 -10.83 11.83
CA VAL A 115 -11.04 -10.59 10.48
C VAL A 115 -12.12 -10.98 9.44
N GLU A 116 -12.80 -12.09 9.64
CA GLU A 116 -13.91 -12.53 8.77
C GLU A 116 -15.07 -11.48 8.66
N VAL A 117 -15.38 -10.82 9.77
CA VAL A 117 -16.50 -9.84 9.79
C VAL A 117 -16.02 -8.65 9.00
N SER A 118 -14.82 -8.16 9.32
CA SER A 118 -14.34 -7.02 8.59
C SER A 118 -14.25 -7.24 7.07
N LEU A 119 -13.67 -8.39 6.70
CA LEU A 119 -13.40 -8.63 5.30
C LEU A 119 -14.71 -8.89 4.58
N ARG A 120 -15.61 -9.72 5.11
CA ARG A 120 -16.94 -9.86 4.49
C ARG A 120 -17.68 -8.55 4.25
N ALA A 121 -17.63 -7.66 5.22
CA ALA A 121 -18.19 -6.33 5.04
C ALA A 121 -17.50 -5.57 3.94
N SER A 122 -16.15 -5.63 3.91
CA SER A 122 -15.44 -4.92 2.85
C SER A 122 -15.85 -5.54 1.48
N LEU A 123 -15.96 -6.86 1.44
CA LEU A 123 -16.29 -7.52 0.21
C LEU A 123 -17.72 -7.14 -0.27
N HIS A 124 -18.64 -7.03 0.69
CA HIS A 124 -19.97 -6.49 0.35
C HIS A 124 -19.88 -5.07 -0.23
N ARG A 125 -19.17 -4.16 0.42
CA ARG A 125 -19.03 -2.83 -0.09
C ARG A 125 -18.49 -2.86 -1.55
N LEU A 126 -17.48 -3.67 -1.81
CA LEU A 126 -16.80 -3.70 -3.09
C LEU A 126 -17.59 -4.48 -4.12
N GLY A 127 -18.62 -5.23 -3.72
CA GLY A 127 -19.42 -6.00 -4.62
C GLY A 127 -18.71 -7.28 -5.10
N LEU A 128 -17.87 -7.91 -4.28
CA LEU A 128 -17.07 -9.04 -4.74
C LEU A 128 -17.29 -10.31 -3.96
N ASP A 129 -17.00 -11.44 -4.59
CA ASP A 129 -16.88 -12.76 -3.95
CA ASP A 129 -16.97 -12.67 -3.82
C ASP A 129 -15.63 -12.81 -3.08
N HIS A 130 -14.50 -12.30 -3.65
CA HIS A 130 -13.20 -12.34 -3.02
C HIS A 130 -12.36 -11.18 -3.44
N VAL A 131 -11.40 -10.85 -2.58
CA VAL A 131 -10.32 -9.96 -2.98
C VAL A 131 -9.13 -10.81 -3.40
N ASN A 132 -8.20 -10.18 -4.09
CA ASN A 132 -6.93 -10.83 -4.44
C ASN A 132 -5.96 -10.80 -3.26
N LEU A 133 -6.06 -9.78 -2.42
CA LEU A 133 -5.16 -9.66 -1.31
C LEU A 133 -5.87 -8.94 -0.15
N VAL A 134 -5.72 -9.45 1.09
CA VAL A 134 -6.15 -8.67 2.25
C VAL A 134 -4.97 -8.52 3.23
N LEU A 135 -4.80 -7.32 3.75
CA LEU A 135 -3.75 -6.98 4.71
C LEU A 135 -4.25 -6.62 6.10
N MET A 136 -3.41 -6.96 7.06
CA MET A 136 -3.42 -6.37 8.38
C MET A 136 -2.88 -4.99 8.29
N HIS A 137 -3.79 -3.99 8.35
CA HIS A 137 -3.42 -2.61 8.04
C HIS A 137 -2.27 -2.09 8.95
N TRP A 138 -2.34 -2.42 10.26
CA TRP A 138 -1.26 -2.12 11.21
C TRP A 138 -1.17 -3.24 12.18
N PRO A 139 0.01 -3.40 12.81
CA PRO A 139 0.21 -4.47 13.77
C PRO A 139 -0.48 -4.20 15.15
N MET A 140 -0.87 -2.97 15.42
CA MET A 140 -1.52 -2.62 16.72
C MET A 140 -3.00 -3.07 16.71
N SER A 141 -3.47 -3.40 17.90
CA SER A 141 -4.83 -3.76 18.20
C SER A 141 -5.39 -2.70 19.16
N ILE A 142 -6.23 -1.84 18.62
CA ILE A 142 -6.78 -0.65 19.26
C ILE A 142 -8.30 -0.55 19.10
N SER A 143 -9.04 -0.44 20.22
CA SER A 143 -10.50 -0.27 20.17
C SER A 143 -10.87 1.03 19.49
N GLN A 144 -12.14 1.13 19.11
CA GLN A 144 -12.65 2.37 18.54
C GLN A 144 -12.58 3.54 19.53
N GLU A 145 -12.48 3.26 20.84
CA GLU A 145 -12.31 4.33 21.82
C GLU A 145 -10.83 4.60 22.19
N GLY A 146 -9.86 3.92 21.58
CA GLY A 146 -8.46 4.22 21.81
C GLY A 146 -7.87 3.32 22.84
N VAL A 147 -8.57 2.27 23.29
CA VAL A 147 -8.02 1.34 24.24
C VAL A 147 -7.07 0.33 23.54
N ASP A 148 -5.91 0.11 24.12
CA ASP A 148 -5.00 -0.87 23.65
C ASP A 148 -5.50 -2.20 24.05
N GLU A 149 -5.84 -3.07 23.06
CA GLU A 149 -6.43 -4.37 23.39
C GLU A 149 -5.39 -5.36 23.59
N LYS A 150 -4.13 -5.01 23.26
CA LYS A 150 -2.99 -5.88 23.51
C LYS A 150 -3.22 -7.23 22.94
N ILE A 151 -3.74 -7.29 21.70
CA ILE A 151 -3.85 -8.62 21.04
C ILE A 151 -2.58 -8.83 20.23
N ASP A 152 -1.99 -9.98 20.38
CA ASP A 152 -0.84 -10.34 19.58
C ASP A 152 -1.28 -10.41 18.06
N TYR A 153 -0.46 -9.89 17.16
CA TYR A 153 -0.69 -9.96 15.73
C TYR A 153 -0.68 -11.40 15.24
N LEU A 154 -0.06 -12.32 16.01
CA LEU A 154 -0.19 -13.71 15.71
C LEU A 154 -1.60 -14.24 15.87
N GLU A 155 -2.37 -13.71 16.85
CA GLU A 155 -3.79 -14.13 16.98
CA GLU A 155 -3.72 -14.16 16.99
C GLU A 155 -4.50 -13.57 15.78
N THR A 156 -4.26 -12.31 15.46
CA THR A 156 -4.94 -11.75 14.30
C THR A 156 -4.70 -12.58 13.02
N TRP A 157 -3.48 -13.07 12.87
CA TRP A 157 -3.04 -13.77 11.72
C TRP A 157 -3.74 -15.06 11.57
N ARG A 158 -4.11 -15.71 12.67
CA ARG A 158 -4.94 -16.91 12.54
C ARG A 158 -6.27 -16.62 11.82
N GLY A 159 -6.86 -15.49 12.09
CA GLY A 159 -8.06 -15.05 11.40
C GLY A 159 -7.76 -14.80 9.93
N PHE A 160 -6.59 -14.22 9.59
CA PHE A 160 -6.23 -14.05 8.13
C PHE A 160 -6.11 -15.42 7.48
N GLU A 161 -5.51 -16.40 8.17
CA GLU A 161 -5.41 -17.75 7.64
C GLU A 161 -6.78 -18.41 7.47
N GLU A 162 -7.70 -18.12 8.41
CA GLU A 162 -9.06 -18.66 8.29
CA GLU A 162 -9.12 -18.60 8.30
C GLU A 162 -9.81 -18.06 7.05
N VAL A 163 -9.70 -16.77 6.80
CA VAL A 163 -10.48 -16.17 5.68
C VAL A 163 -9.89 -16.62 4.34
N LEU A 164 -8.57 -16.93 4.33
CA LEU A 164 -7.90 -17.55 3.19
C LEU A 164 -8.48 -18.89 2.89
N LYS A 165 -8.57 -19.74 3.90
CA LYS A 165 -9.15 -21.06 3.72
C LYS A 165 -10.64 -21.03 3.29
N LYS A 166 -11.35 -20.00 3.72
CA LYS A 166 -12.72 -19.80 3.27
C LYS A 166 -12.86 -19.22 1.86
N GLY A 167 -11.78 -18.77 1.21
CA GLY A 167 -11.89 -18.33 -0.22
C GLY A 167 -12.35 -16.88 -0.27
N LEU A 168 -12.28 -16.13 0.85
CA LEU A 168 -12.63 -14.74 0.91
C LEU A 168 -11.58 -13.84 0.29
N THR A 169 -10.39 -14.41 0.14
CA THR A 169 -9.26 -13.74 -0.42
C THR A 169 -8.40 -14.77 -1.07
N LYS A 170 -7.65 -14.36 -2.06
CA LYS A 170 -6.67 -15.28 -2.72
C LYS A 170 -5.28 -15.13 -2.07
N ALA A 171 -5.09 -14.13 -1.21
CA ALA A 171 -3.80 -13.94 -0.56
C ALA A 171 -3.94 -13.12 0.71
N ILE A 172 -3.01 -13.37 1.65
CA ILE A 172 -2.94 -12.61 2.90
C ILE A 172 -1.58 -12.00 3.05
N GLY A 173 -1.55 -10.80 3.64
CA GLY A 173 -0.35 -10.04 3.84
C GLY A 173 -0.51 -9.09 5.02
N VAL A 174 0.54 -8.28 5.23
CA VAL A 174 0.59 -7.31 6.31
C VAL A 174 1.00 -5.98 5.80
N SER A 175 0.87 -5.02 6.67
CA SER A 175 1.28 -3.70 6.36
C SER A 175 1.89 -3.05 7.63
N ASN A 176 2.93 -2.26 7.41
CA ASN A 176 3.65 -1.61 8.48
C ASN A 176 4.27 -2.52 9.53
N PHE A 177 4.73 -3.70 9.12
CA PHE A 177 5.37 -4.60 10.04
C PHE A 177 6.86 -4.22 9.96
N ASN A 178 7.55 -4.14 11.10
CA ASN A 178 9.00 -3.89 11.07
C ASN A 178 9.70 -5.25 10.97
N ILE A 179 11.05 -5.25 10.98
CA ILE A 179 11.79 -6.46 10.66
C ILE A 179 11.63 -7.47 11.74
N GLU A 180 11.52 -7.00 13.00
CA GLU A 180 11.29 -7.86 14.15
CA GLU A 180 11.36 -8.00 14.06
C GLU A 180 9.92 -8.53 14.08
N GLN A 181 8.91 -7.71 13.77
CA GLN A 181 7.51 -8.28 13.59
C GLN A 181 7.44 -9.29 12.40
N MET A 182 8.16 -8.97 11.33
CA MET A 182 8.19 -9.89 10.17
C MET A 182 8.82 -11.20 10.50
N LYS A 183 9.95 -11.09 11.22
CA LYS A 183 10.63 -12.35 11.65
C LYS A 183 9.78 -13.25 12.59
N ARG A 184 9.18 -12.64 13.59
CA ARG A 184 8.34 -13.37 14.53
C ARG A 184 7.09 -13.94 13.78
N LEU A 185 6.54 -13.12 12.89
CA LEU A 185 5.37 -13.66 12.08
C LEU A 185 5.79 -14.86 11.24
N LEU A 186 6.89 -14.72 10.53
CA LEU A 186 7.37 -15.80 9.66
C LEU A 186 7.79 -17.07 10.41
N THR A 187 8.24 -16.88 11.65
CA THR A 187 8.65 -18.03 12.49
C THR A 187 7.46 -18.76 13.02
N ASN A 188 6.36 -18.06 13.27
CA ASN A 188 5.16 -18.68 13.88
C ASN A 188 3.92 -19.02 12.97
N CYS A 189 3.82 -18.45 11.78
CA CYS A 189 2.60 -18.61 10.96
C CYS A 189 2.46 -19.96 10.38
N ASN A 190 1.29 -20.34 9.91
CA ASN A 190 1.15 -21.52 9.07
C ASN A 190 1.26 -21.13 7.60
N VAL A 191 0.72 -19.99 7.22
CA VAL A 191 0.79 -19.52 5.81
C VAL A 191 1.55 -18.21 5.94
N PRO A 192 2.64 -18.03 5.16
CA PRO A 192 3.34 -16.76 5.31
C PRO A 192 2.62 -15.60 4.63
N PRO A 193 2.87 -14.37 5.09
CA PRO A 193 2.36 -13.24 4.37
C PRO A 193 2.94 -13.19 2.98
N ALA A 194 2.12 -12.73 2.03
CA ALA A 194 2.52 -12.56 0.67
C ALA A 194 3.22 -11.25 0.48
N VAL A 195 2.78 -10.20 1.18
CA VAL A 195 3.40 -8.95 1.05
C VAL A 195 3.57 -8.32 2.43
N ASN A 196 4.42 -7.30 2.47
CA ASN A 196 4.49 -6.32 3.56
C ASN A 196 4.42 -5.04 2.87
N GLN A 197 3.35 -4.31 3.15
CA GLN A 197 3.14 -2.97 2.57
C GLN A 197 3.56 -1.92 3.54
N ILE A 198 4.52 -1.08 3.09
CA ILE A 198 5.19 -0.12 3.96
C ILE A 198 5.54 1.12 3.20
N GLU A 199 5.91 2.18 3.93
CA GLU A 199 6.50 3.34 3.24
C GLU A 199 7.88 3.06 2.71
N VAL A 200 8.06 3.28 1.41
CA VAL A 200 9.38 3.30 0.77
C VAL A 200 9.38 4.44 -0.21
N ASN A 201 10.45 5.20 -0.17
CA ASN A 201 10.69 6.39 -1.05
C ASN A 201 12.23 6.75 -1.04
N LEU A 202 12.62 7.83 -1.70
CA LEU A 202 14.05 8.11 -1.87
C LEU A 202 14.77 8.49 -0.52
N ASN A 203 14.05 9.05 0.44
CA ASN A 203 14.53 9.37 1.74
C ASN A 203 14.42 8.28 2.77
N LEU A 204 13.46 7.32 2.56
CA LEU A 204 13.28 6.19 3.45
C LEU A 204 13.39 4.89 2.67
N SER A 205 14.61 4.45 2.46
CA SER A 205 14.82 3.26 1.63
C SER A 205 14.40 1.95 2.27
N GLN A 206 14.39 1.87 3.61
CA GLN A 206 14.16 0.62 4.40
C GLN A 206 14.95 -0.57 3.88
N ALA A 207 16.23 -0.31 3.61
CA ALA A 207 17.04 -1.32 2.98
C ALA A 207 17.07 -2.63 3.73
N ASP A 208 17.28 -2.61 5.03
CA ASP A 208 17.35 -3.88 5.78
C ASP A 208 15.98 -4.58 5.77
N LEU A 209 14.92 -3.81 6.01
CA LEU A 209 13.55 -4.42 6.00
C LEU A 209 13.20 -5.00 4.58
N VAL A 210 13.54 -4.27 3.54
CA VAL A 210 13.29 -4.77 2.18
C VAL A 210 14.09 -6.03 1.90
N ASP A 211 15.37 -6.03 2.26
CA ASP A 211 16.22 -7.16 2.02
C ASP A 211 15.73 -8.35 2.79
N TYR A 212 15.36 -8.13 4.03
CA TYR A 212 14.83 -9.25 4.83
C TYR A 212 13.55 -9.85 4.18
N CYS A 213 12.65 -8.98 3.78
CA CYS A 213 11.38 -9.48 3.10
C CYS A 213 11.68 -10.26 1.85
N GLN A 214 12.49 -9.68 0.98
CA GLN A 214 12.84 -10.30 -0.29
C GLN A 214 13.61 -11.57 -0.06
N ALA A 215 14.50 -11.62 0.97
CA ALA A 215 15.18 -12.94 1.24
C ALA A 215 14.20 -13.99 1.67
N ASN A 216 13.07 -13.60 2.27
CA ASN A 216 12.06 -14.56 2.67
C ASN A 216 10.89 -14.66 1.68
N GLU A 217 11.11 -14.17 0.47
CA GLU A 217 10.12 -14.23 -0.60
C GLU A 217 8.80 -13.52 -0.35
N VAL A 218 8.82 -12.54 0.53
CA VAL A 218 7.70 -11.63 0.73
C VAL A 218 7.94 -10.45 -0.15
N VAL A 219 6.93 -10.09 -0.94
CA VAL A 219 6.99 -8.91 -1.82
C VAL A 219 6.72 -7.64 -1.02
N VAL A 220 7.54 -6.64 -1.27
CA VAL A 220 7.43 -5.37 -0.64
C VAL A 220 6.58 -4.43 -1.52
N VAL A 221 5.63 -3.73 -0.88
CA VAL A 221 4.73 -2.84 -1.61
C VAL A 221 4.87 -1.53 -0.96
N ALA A 222 5.23 -0.51 -1.74
CA ALA A 222 5.49 0.82 -1.20
C ALA A 222 4.29 1.74 -1.31
N TYR A 223 3.81 2.25 -0.18
CA TYR A 223 3.02 3.46 -0.17
C TYR A 223 3.86 4.71 0.08
N SER A 224 3.29 5.89 -0.20
CA SER A 224 4.01 7.17 -0.25
C SER A 224 5.34 7.06 -0.94
N PRO A 225 5.36 6.54 -2.16
CA PRO A 225 6.58 6.30 -2.91
C PRO A 225 7.35 7.58 -3.27
N PHE A 226 6.70 8.73 -3.23
CA PHE A 226 7.34 10.04 -3.51
C PHE A 226 7.78 10.77 -2.25
N GLY A 227 7.49 10.17 -1.09
CA GLY A 227 7.78 10.77 0.19
C GLY A 227 7.30 12.21 0.21
N THR A 228 8.19 13.15 0.53
CA THR A 228 7.80 14.59 0.58
C THR A 228 8.23 15.32 -0.69
N MET A 229 8.54 14.61 -1.76
CA MET A 229 9.03 15.25 -2.96
C MET A 229 7.97 16.08 -3.64
N VAL A 230 6.77 15.50 -3.70
CA VAL A 230 5.59 16.20 -4.23
C VAL A 230 5.00 17.27 -3.27
N PRO A 231 4.67 18.48 -3.79
CA PRO A 231 4.05 19.57 -2.99
C PRO A 231 3.05 19.21 -1.83
N SER A 232 2.06 18.33 -2.08
CA SER A 232 1.19 17.84 -0.99
C SER A 232 1.97 17.11 0.11
N LEU A 236 7.84 20.63 4.93
CA LEU A 236 8.15 22.07 4.84
C LEU A 236 9.65 22.38 4.96
N ASN A 237 10.29 21.84 6.01
CA ASN A 237 11.76 21.72 6.07
C ASN A 237 12.17 20.28 5.73
N SER A 238 11.51 19.72 4.75
CA SER A 238 11.60 18.32 4.46
C SER A 238 12.78 18.19 3.50
N PRO A 239 13.34 16.99 3.40
CA PRO A 239 14.62 16.91 2.71
C PRO A 239 14.50 16.90 1.21
N GLU A 240 15.64 17.11 0.55
CA GLU A 240 15.78 16.85 -0.86
C GLU A 240 15.60 15.32 -1.10
N PRO A 241 15.19 14.89 -2.29
CA PRO A 241 14.92 15.74 -3.46
C PRO A 241 13.55 16.39 -3.49
N LYS A 242 13.56 17.64 -3.96
CA LYS A 242 12.34 18.34 -4.40
C LYS A 242 12.19 18.16 -5.86
N LEU A 243 11.04 18.55 -6.42
CA LEU A 243 10.80 18.27 -7.87
C LEU A 243 11.76 19.02 -8.80
N ASP A 244 12.29 20.16 -8.33
CA ASP A 244 13.29 20.96 -9.04
C ASP A 244 14.73 20.54 -8.69
N ASN A 245 14.96 19.28 -8.30
CA ASN A 245 16.31 18.84 -7.91
C ASN A 245 17.17 18.57 -9.13
N PRO A 246 18.31 19.31 -9.28
CA PRO A 246 19.09 19.16 -10.49
C PRO A 246 19.58 17.76 -10.80
N ALA A 247 20.00 16.99 -9.78
CA ALA A 247 20.44 15.60 -10.07
C ALA A 247 19.26 14.71 -10.56
N MET A 248 18.07 14.91 -10.00
CA MET A 248 16.88 14.14 -10.43
C MET A 248 16.58 14.52 -11.90
N LEU A 249 16.47 15.84 -12.13
CA LEU A 249 16.29 16.37 -13.56
C LEU A 249 17.32 15.84 -14.54
N ALA A 250 18.56 15.73 -14.07
CA ALA A 250 19.64 15.27 -14.94
C ALA A 250 19.52 13.82 -15.28
N ILE A 251 19.23 13.02 -14.25
CA ILE A 251 18.88 11.58 -14.49
C ILE A 251 17.65 11.51 -15.42
N GLY A 252 16.66 12.36 -15.14
CA GLY A 252 15.52 12.53 -16.07
C GLY A 252 15.91 12.67 -17.55
N ARG A 253 16.64 13.74 -17.85
CA ARG A 253 17.05 14.01 -19.26
C ARG A 253 17.84 12.85 -19.80
N LYS A 254 18.68 12.23 -18.99
CA LYS A 254 19.43 11.11 -19.52
C LYS A 254 18.59 9.99 -20.09
N TYR A 255 17.50 9.59 -19.42
CA TYR A 255 16.70 8.44 -19.91
C TYR A 255 15.36 8.87 -20.49
N GLY A 256 15.07 10.16 -20.42
CA GLY A 256 13.95 10.72 -21.15
C GLY A 256 12.69 10.62 -20.36
N LYS A 257 12.77 10.99 -19.08
CA LYS A 257 11.72 10.73 -18.12
C LYS A 257 11.60 11.90 -17.21
N THR A 258 10.45 12.03 -16.61
CA THR A 258 10.29 13.00 -15.54
C THR A 258 10.89 12.53 -14.17
N VAL A 259 10.83 13.43 -13.21
CA VAL A 259 11.43 13.24 -11.93
C VAL A 259 10.62 12.18 -11.15
N THR A 260 9.30 12.23 -11.25
CA THR A 260 8.46 11.26 -10.60
C THR A 260 8.67 9.90 -11.23
N GLN A 261 8.89 9.84 -12.53
CA GLN A 261 9.12 8.59 -13.17
C GLN A 261 10.44 7.92 -12.82
N VAL A 262 11.47 8.76 -12.56
CA VAL A 262 12.73 8.27 -12.11
C VAL A 262 12.53 7.59 -10.76
N ASN A 263 11.95 8.31 -9.84
CA ASN A 263 11.53 7.80 -8.53
C ASN A 263 10.78 6.45 -8.63
N LEU A 264 9.73 6.35 -9.46
CA LEU A 264 9.01 5.05 -9.55
C LEU A 264 9.81 3.98 -10.19
N GLY A 265 10.56 4.34 -11.23
CA GLY A 265 11.36 3.35 -11.88
C GLY A 265 12.49 2.77 -11.02
N TYR A 266 13.02 3.61 -10.14
CA TYR A 266 14.04 3.21 -9.17
C TYR A 266 13.45 2.11 -8.22
N LEU A 267 12.26 2.40 -7.67
CA LEU A 267 11.55 1.42 -6.79
C LEU A 267 11.29 0.17 -7.54
N TYR A 268 10.87 0.32 -8.80
CA TYR A 268 10.59 -0.86 -9.61
C TYR A 268 11.82 -1.69 -9.74
N GLN A 269 12.92 -0.98 -9.99
CA GLN A 269 14.20 -1.62 -10.17
C GLN A 269 14.77 -2.24 -8.87
N ARG A 270 14.37 -1.75 -7.69
CA ARG A 270 14.56 -2.47 -6.42
C ARG A 270 13.67 -3.70 -6.25
N GLY A 271 12.80 -4.01 -7.22
CA GLY A 271 11.82 -5.10 -7.07
C GLY A 271 10.66 -4.78 -6.12
N ILE A 272 10.36 -3.50 -5.97
CA ILE A 272 9.33 -3.02 -5.07
C ILE A 272 8.12 -2.55 -5.90
N VAL A 273 6.90 -2.98 -5.47
CA VAL A 273 5.64 -2.60 -6.05
C VAL A 273 5.36 -1.20 -5.51
N SER A 274 4.93 -0.26 -6.35
CA SER A 274 4.53 1.09 -5.93
C SER A 274 3.02 1.31 -6.03
N ILE A 275 2.48 2.04 -5.07
CA ILE A 275 1.11 2.48 -4.98
C ILE A 275 1.07 4.01 -4.87
N PRO A 276 1.40 4.69 -5.95
CA PRO A 276 1.14 6.13 -5.95
C PRO A 276 -0.36 6.46 -5.88
N LYS A 277 -0.67 7.60 -5.26
CA LYS A 277 -2.01 8.11 -5.23
C LYS A 277 -2.06 9.41 -6.02
N THR A 278 -2.97 9.45 -7.01
CA THR A 278 -3.27 10.71 -7.74
C THR A 278 -4.71 10.67 -8.21
N VAL A 279 -5.32 11.82 -8.42
CA VAL A 279 -6.66 11.93 -9.00
C VAL A 279 -6.60 12.67 -10.34
N THR A 280 -5.42 12.71 -10.95
CA THR A 280 -5.17 13.42 -12.21
C THR A 280 -4.72 12.50 -13.26
N LYS A 281 -5.45 12.45 -14.36
CA LYS A 281 -5.24 11.40 -15.34
C LYS A 281 -3.90 11.47 -16.04
N SER A 282 -3.37 12.68 -16.18
CA SER A 282 -2.04 12.77 -16.84
C SER A 282 -0.99 12.11 -15.88
N ARG A 283 -1.12 12.31 -14.58
CA ARG A 283 -0.24 11.62 -13.60
C ARG A 283 -0.41 10.10 -13.62
N VAL A 284 -1.66 9.67 -13.76
CA VAL A 284 -1.94 8.25 -13.91
C VAL A 284 -1.19 7.72 -15.06
N LEU A 285 -1.26 8.42 -16.17
CA LEU A 285 -0.57 7.93 -17.39
C LEU A 285 0.98 7.94 -17.24
N GLU A 286 1.44 9.05 -16.73
CA GLU A 286 2.90 9.32 -16.51
C GLU A 286 3.47 8.24 -15.54
N ASN A 287 2.80 8.00 -14.40
CA ASN A 287 3.22 6.93 -13.44
C ASN A 287 3.38 5.58 -14.04
N ALA A 288 2.65 5.24 -15.11
CA ALA A 288 2.79 3.89 -15.68
C ALA A 288 3.78 3.73 -16.80
N SER A 289 4.40 4.83 -17.19
CA SER A 289 5.35 4.83 -18.34
C SER A 289 6.78 4.83 -17.76
N ILE A 290 7.09 3.72 -17.04
CA ILE A 290 8.30 3.63 -16.21
C ILE A 290 8.99 2.30 -16.29
N PHE A 291 8.61 1.47 -17.24
CA PHE A 291 9.10 0.09 -17.26
C PHE A 291 10.12 -0.20 -18.39
N ASP A 292 10.34 0.79 -19.26
CA ASP A 292 11.17 0.68 -20.44
C ASP A 292 12.57 1.30 -20.26
N PHE A 293 13.11 1.37 -19.06
CA PHE A 293 14.44 1.97 -18.87
C PHE A 293 15.15 1.35 -17.69
N GLN A 294 16.46 1.22 -17.79
CA GLN A 294 17.31 0.58 -16.79
C GLN A 294 18.20 1.70 -16.28
N LEU A 295 18.15 1.98 -14.97
CA LEU A 295 19.03 2.97 -14.35
C LEU A 295 20.37 2.31 -14.20
N ASP A 296 21.45 3.01 -14.60
CA ASP A 296 22.79 2.38 -14.52
C ASP A 296 23.39 2.60 -13.13
N ASP A 297 24.49 1.91 -12.89
CA ASP A 297 25.11 1.84 -11.59
C ASP A 297 25.33 3.22 -11.05
N GLU A 298 25.75 4.14 -11.90
CA GLU A 298 26.02 5.55 -11.46
C GLU A 298 24.78 6.25 -10.93
N ASP A 299 23.67 6.12 -11.68
CA ASP A 299 22.44 6.81 -11.29
C ASP A 299 21.71 6.16 -10.05
N VAL A 300 21.86 4.85 -9.94
CA VAL A 300 21.40 4.10 -8.77
C VAL A 300 22.20 4.60 -7.59
N ALA A 301 23.51 4.72 -7.72
CA ALA A 301 24.31 5.24 -6.57
C ALA A 301 23.90 6.65 -6.19
N THR A 302 23.65 7.49 -7.17
CA THR A 302 23.16 8.85 -6.86
C THR A 302 21.82 8.84 -6.11
N LEU A 303 20.89 8.05 -6.64
CA LEU A 303 19.55 8.03 -6.05
C LEU A 303 19.63 7.47 -4.63
N ALA A 304 20.48 6.46 -4.43
CA ALA A 304 20.71 5.93 -3.09
C ALA A 304 21.23 6.95 -2.13
N GLN A 305 21.87 8.05 -2.59
CA GLN A 305 22.39 9.06 -1.64
C GLN A 305 21.30 9.86 -0.99
N PHE A 306 20.10 9.86 -1.55
CA PHE A 306 19.02 10.58 -0.87
C PHE A 306 18.52 9.95 0.42
N ASP A 307 18.84 8.70 0.66
CA ASP A 307 18.34 7.96 1.83
C ASP A 307 18.87 8.57 3.14
N ASN A 308 17.99 8.96 4.06
CA ASN A 308 18.41 9.59 5.31
C ASN A 308 17.50 9.30 6.48
N GLY A 309 16.63 8.31 6.35
CA GLY A 309 15.77 7.95 7.44
C GLY A 309 14.56 8.84 7.70
N PHE A 310 14.31 9.84 6.88
CA PHE A 310 13.14 10.71 7.07
C PHE A 310 11.81 9.99 6.68
N ARG A 311 10.92 9.80 7.62
CA ARG A 311 9.72 9.01 7.46
C ARG A 311 8.54 9.99 7.26
N THR A 312 7.97 9.96 6.07
CA THR A 312 6.83 10.80 5.71
C THR A 312 5.60 10.52 6.56
N VAL A 313 5.36 9.24 6.90
CA VAL A 313 4.11 8.82 7.63
C VAL A 313 4.44 8.26 9.01
N ARG A 314 4.25 9.06 10.05
CA ARG A 314 4.72 8.70 11.40
C ARG A 314 3.65 9.14 12.36
N PRO A 315 2.69 8.26 12.58
CA PRO A 315 1.53 8.67 13.32
C PRO A 315 1.85 8.64 14.82
N LEU A 316 2.21 9.80 15.38
CA LEU A 316 2.75 9.87 16.75
C LEU A 316 1.76 9.46 17.78
N PHE A 317 0.47 9.72 17.54
CA PHE A 317 -0.63 9.20 18.42
C PHE A 317 -0.64 7.70 18.64
N TRP A 318 0.05 6.88 17.80
CA TRP A 318 0.09 5.44 18.08
C TRP A 318 1.30 4.94 18.80
N GLN A 319 2.31 5.81 19.04
CA GLN A 319 3.54 5.37 19.79
C GLN A 319 3.33 4.62 21.08
N PRO A 320 2.38 5.05 21.92
CA PRO A 320 2.18 4.32 23.22
C PRO A 320 1.54 2.94 23.10
N TYR A 321 1.13 2.49 21.90
CA TYR A 321 0.40 1.19 21.80
C TYR A 321 1.35 0.07 21.63
N GLU A 322 1.03 -1.09 22.18
CA GLU A 322 1.84 -2.22 21.90
C GLU A 322 1.89 -2.51 20.37
N ASN A 323 3.05 -2.96 19.89
CA ASN A 323 3.28 -3.26 18.47
C ASN A 323 3.32 -2.06 17.53
N TYR A 324 3.29 -0.86 18.07
CA TYR A 324 3.67 0.26 17.26
C TYR A 324 5.02 -0.03 16.60
N PRO A 325 5.11 0.15 15.27
CA PRO A 325 6.24 -0.47 14.56
C PRO A 325 7.49 0.37 14.47
N PHE A 326 7.35 1.68 14.53
CA PHE A 326 8.46 2.56 14.26
C PHE A 326 9.26 2.91 15.54
N ASP A 327 10.42 3.53 15.35
CA ASP A 327 11.26 3.99 16.51
C ASP A 327 10.48 5.05 17.27
N VAL A 328 10.46 4.97 18.57
CA VAL A 328 9.70 5.92 19.38
C VAL A 328 10.52 7.20 19.64
N VAL A 329 9.90 8.36 19.49
CA VAL A 329 10.47 9.64 19.93
C VAL A 329 10.00 9.88 21.38
N PRO A 330 10.92 9.87 22.35
CA PRO A 330 10.42 10.10 23.73
C PRO A 330 9.82 11.49 23.96
N GLY A 331 8.84 11.51 24.86
CA GLY A 331 8.19 12.72 25.38
C GLY A 331 7.09 13.43 24.60
N GLN A 332 6.09 12.73 24.09
CA GLN A 332 5.00 13.44 23.35
C GLN A 332 3.97 13.96 24.31
N ASP A 336 -3.61 11.88 22.43
CA ASP A 336 -4.98 11.50 22.05
C ASP A 336 -5.17 11.15 20.54
N ILE A 337 -5.69 9.93 20.27
CA ILE A 337 -5.91 9.49 18.88
C ILE A 337 -7.05 10.30 18.26
N PRO A 338 -6.80 11.09 17.21
CA PRO A 338 -7.96 11.80 16.59
C PRO A 338 -9.09 10.85 16.21
N ILE A 339 -10.33 11.34 16.28
CA ILE A 339 -11.50 10.48 16.04
C ILE A 339 -11.53 9.87 14.59
N ALA A 340 -11.12 10.64 13.57
CA ALA A 340 -11.03 10.16 12.20
C ALA A 340 -10.10 8.92 11.97
N MET A 341 -9.24 8.58 12.94
CA MET A 341 -8.41 7.40 12.91
C MET A 341 -9.05 6.25 13.68
N ARG A 342 -10.30 6.39 14.11
CA ARG A 342 -10.96 5.40 14.97
C ARG A 342 -12.43 5.03 14.60
N LYS A 343 -13.23 6.01 14.15
CA LYS A 343 -14.68 5.86 13.92
C LYS A 343 -15.02 6.62 12.68
N TRP A 344 -15.71 5.97 11.75
CA TRP A 344 -16.09 6.63 10.49
C TRP A 344 -17.25 5.82 9.80
N LYS A 345 -17.90 6.43 8.81
CA LYS A 345 -18.86 5.77 7.94
C LYS A 345 -18.28 5.58 6.51
N ASN A 346 -18.79 4.58 5.78
CA ASN A 346 -18.36 4.31 4.36
C ASN A 346 -19.42 4.60 3.24
N GLY A 347 -19.00 5.20 2.11
CA GLY A 347 -19.95 5.69 1.08
C GLY A 347 -20.57 7.04 1.44
CA CA B . -14.99 -11.58 -7.02
C1 EDO C . 19.93 1.13 -0.34
O1 EDO C . 19.16 0.31 -1.27
C2 EDO C . 19.33 2.50 -0.58
O2 EDO C . 19.67 3.47 0.40
C ACT D . 8.16 -0.11 8.83
O ACT D . 7.88 0.88 7.99
OXT ACT D . 7.46 -1.16 9.01
CH3 ACT D . 9.36 -0.17 9.73
C ACT E . 9.98 -10.06 -5.35
O ACT E . 10.17 -9.58 -4.21
OXT ACT E . 9.74 -11.30 -5.44
CH3 ACT E . 10.04 -9.12 -6.58
C ACT F . -3.28 3.94 -1.11
O ACT F . -3.41 5.17 -1.29
OXT ACT F . -4.07 3.08 -1.56
CH3 ACT F . -2.11 3.46 -0.31
C ACT G . 10.48 11.50 10.60
O ACT G . 11.46 10.68 10.51
OXT ACT G . 9.31 11.30 11.03
CH3 ACT G . 10.69 12.85 10.07
C ACT H . -6.28 -7.71 -19.51
O ACT H . -5.73 -7.49 -18.37
OXT ACT H . -6.99 -6.87 -20.12
CH3 ACT H . -6.10 -9.04 -20.18
C ACT I . 7.91 -8.16 17.87
O ACT I . 8.30 -6.97 17.87
OXT ACT I . 6.70 -8.51 17.84
CH3 ACT I . 9.02 -9.14 17.92
C ACT J . 17.62 0.81 6.31
O ACT J . 18.05 -0.34 6.47
OXT ACT J . 16.52 1.05 6.77
CH3 ACT J . 18.34 1.88 5.52
C ACT K . -3.05 14.45 -7.54
O ACT K . -1.85 14.39 -7.91
OXT ACT K . -3.90 14.69 -8.38
CH3 ACT K . -3.52 14.21 -6.13
#